data_4BB4
#
_entry.id   4BB4
#
_cell.length_a   46.421
_cell.length_b   53.329
_cell.length_c   61.209
_cell.angle_alpha   90.00
_cell.angle_beta   111.50
_cell.angle_gamma   90.00
#
_symmetry.space_group_name_H-M   'P 1 21 1'
#
loop_
_entity.id
_entity.type
_entity.pdbx_description
1 polymer 'EPHRIN TYPE-B RECEPTOR 4'
2 non-polymer N-(2-methoxyethyl)-4-[(6-pyridin-4-ylquinazolin-2-yl)amino]benzamide
3 non-polymer 'MAGNESIUM ION'
4 water water
#
_entity_poly.entity_id   1
_entity_poly.type   'polypeptide(L)'
_entity_poly.pdbx_seq_one_letter_code
;DPNEAVREFAKEIDVSYVKIEEVIGAGEFGEVCRGRLKAPGKKESCVAIKTLKGGYTERQRREFLSEASIMGQFEHPNII
RLEGVVTNSMPVMILTEFMENGALDSFLRLNDGQFTVIQLVGMLRGIASGMRYLAEMSYVHRDLAARNILVNSNLVCKVS
DFGLSRFLEENSSDPTETSSLGGKIPIRWTAPEAIAFRKFTSASDAWSYGIVMWEVMSFGERPYWDMSNQDVINAIEQDY
RLPPPPDCPTSLHQLMLDCWQKDRNARPRFPQVVSALDKMIRNPASLKIVARENGGASHPLL
;
_entity_poly.pdbx_strand_id   A
#
loop_
_chem_comp.id
_chem_comp.type
_chem_comp.name
_chem_comp.formula
32W non-polymer N-(2-methoxyethyl)-4-[(6-pyridin-4-ylquinazolin-2-yl)amino]benzamide 'C23 H21 N5 O2'
MG non-polymer 'MAGNESIUM ION' 'Mg 2'
#
# COMPACT_ATOMS: atom_id res chain seq x y z
N PHE A 9 -24.78 -5.09 -3.69
CA PHE A 9 -23.34 -5.09 -3.92
C PHE A 9 -22.95 -5.59 -5.31
N ALA A 10 -21.84 -5.05 -5.84
CA ALA A 10 -21.26 -5.45 -7.13
C ALA A 10 -20.23 -6.54 -6.84
N LYS A 11 -20.49 -7.77 -7.37
CA LYS A 11 -19.72 -9.01 -7.23
C LYS A 11 -20.19 -9.91 -6.05
N GLU A 12 -21.50 -9.93 -5.77
CA GLU A 12 -22.04 -10.82 -4.75
C GLU A 12 -21.84 -12.25 -5.29
N ILE A 13 -21.25 -13.14 -4.48
CA ILE A 13 -20.98 -14.50 -4.91
C ILE A 13 -21.53 -15.55 -3.98
N ASP A 14 -22.06 -16.63 -4.58
CA ASP A 14 -22.61 -17.78 -3.89
C ASP A 14 -21.48 -18.47 -3.14
N VAL A 15 -21.67 -18.68 -1.82
CA VAL A 15 -20.70 -19.30 -0.92
C VAL A 15 -20.19 -20.70 -1.37
N SER A 16 -21.00 -21.44 -2.15
CA SER A 16 -20.66 -22.76 -2.68
C SER A 16 -19.53 -22.70 -3.72
N TYR A 17 -19.24 -21.50 -4.27
CA TYR A 17 -18.20 -21.27 -5.27
C TYR A 17 -16.82 -21.07 -4.61
N VAL A 18 -16.81 -20.97 -3.26
CA VAL A 18 -15.61 -20.71 -2.45
C VAL A 18 -15.19 -21.91 -1.61
N LYS A 19 -13.93 -22.30 -1.72
CA LYS A 19 -13.33 -23.35 -0.89
C LYS A 19 -12.17 -22.71 -0.12
N ILE A 20 -12.26 -22.62 1.21
CA ILE A 20 -11.21 -22.06 2.06
C ILE A 20 -10.10 -23.12 2.23
N GLU A 21 -8.87 -22.77 1.86
CA GLU A 21 -7.72 -23.69 1.87
C GLU A 21 -6.89 -23.71 3.16
N GLU A 22 -6.48 -22.52 3.67
CA GLU A 22 -5.69 -22.38 4.91
C GLU A 22 -5.62 -20.94 5.41
N VAL A 23 -5.34 -20.75 6.73
CA VAL A 23 -5.17 -19.42 7.33
C VAL A 23 -3.74 -18.99 6.99
N ILE A 24 -3.63 -17.81 6.36
CA ILE A 24 -2.35 -17.27 5.89
C ILE A 24 -1.93 -16.00 6.62
N GLY A 25 -2.81 -15.48 7.45
CA GLY A 25 -2.53 -14.27 8.20
C GLY A 25 -3.63 -13.85 9.15
N ALA A 26 -3.38 -12.74 9.85
CA ALA A 26 -4.34 -12.16 10.78
C ALA A 26 -4.59 -10.71 10.36
N GLY A 27 -5.86 -10.39 10.12
CA GLY A 27 -6.32 -9.06 9.75
C GLY A 27 -6.93 -8.33 10.94
N GLU A 28 -7.46 -7.13 10.72
CA GLU A 28 -8.06 -6.28 11.76
C GLU A 28 -9.34 -6.85 12.40
N PHE A 29 -10.27 -7.37 11.57
CA PHE A 29 -11.55 -7.90 12.06
C PHE A 29 -11.63 -9.43 12.13
N GLY A 30 -10.56 -10.11 11.71
CA GLY A 30 -10.50 -11.57 11.72
C GLY A 30 -9.35 -12.15 10.93
N GLU A 31 -9.49 -13.43 10.56
CA GLU A 31 -8.49 -14.19 9.83
C GLU A 31 -8.36 -13.80 8.35
N VAL A 32 -7.21 -14.11 7.77
CA VAL A 32 -6.94 -13.95 6.34
C VAL A 32 -6.63 -15.37 5.88
N CYS A 33 -7.38 -15.84 4.86
CA CYS A 33 -7.25 -17.18 4.31
C CYS A 33 -6.89 -17.16 2.84
N ARG A 34 -6.30 -18.25 2.36
CA ARG A 34 -6.09 -18.50 0.94
C ARG A 34 -7.24 -19.44 0.58
N GLY A 35 -7.79 -19.27 -0.61
CA GLY A 35 -8.87 -20.11 -1.08
C GLY A 35 -8.93 -20.23 -2.58
N ARG A 36 -9.91 -20.99 -3.07
CA ARG A 36 -10.13 -21.18 -4.50
C ARG A 36 -11.56 -20.74 -4.81
N LEU A 37 -11.69 -19.93 -5.85
CA LEU A 37 -12.95 -19.41 -6.34
C LEU A 37 -13.23 -20.04 -7.71
N LYS A 38 -14.33 -20.77 -7.81
CA LYS A 38 -14.77 -21.41 -9.05
C LYS A 38 -16.24 -21.09 -9.31
N ALA A 39 -16.49 -20.16 -10.26
CA ALA A 39 -17.84 -19.72 -10.62
C ALA A 39 -18.24 -20.31 -11.99
N PRO A 40 -19.56 -20.58 -12.24
CA PRO A 40 -19.95 -21.14 -13.56
C PRO A 40 -19.51 -20.27 -14.73
N GLY A 41 -18.95 -20.91 -15.76
CA GLY A 41 -18.47 -20.25 -16.96
C GLY A 41 -17.16 -19.49 -16.84
N LYS A 42 -16.48 -19.59 -15.67
CA LYS A 42 -15.21 -18.90 -15.43
C LYS A 42 -14.15 -19.90 -14.94
N LYS A 43 -12.87 -19.65 -15.27
CA LYS A 43 -11.75 -20.49 -14.84
C LYS A 43 -11.55 -20.34 -13.31
N GLU A 44 -11.10 -21.41 -12.63
CA GLU A 44 -10.85 -21.40 -11.19
C GLU A 44 -9.68 -20.46 -10.90
N SER A 45 -9.82 -19.62 -9.85
CA SER A 45 -8.76 -18.70 -9.48
C SER A 45 -8.41 -18.79 -8.00
N CYS A 46 -7.16 -18.42 -7.66
CA CYS A 46 -6.70 -18.40 -6.28
CA CYS A 46 -6.70 -18.40 -6.28
C CYS A 46 -7.14 -17.08 -5.68
N VAL A 47 -7.67 -17.11 -4.45
CA VAL A 47 -8.14 -15.89 -3.80
C VAL A 47 -7.62 -15.76 -2.38
N ALA A 48 -7.57 -14.52 -1.90
CA ALA A 48 -7.31 -14.24 -0.50
C ALA A 48 -8.68 -13.90 0.04
N ILE A 49 -8.98 -14.37 1.24
CA ILE A 49 -10.30 -14.20 1.83
C ILE A 49 -10.20 -13.53 3.21
N LYS A 50 -10.90 -12.40 3.39
CA LYS A 50 -11.00 -11.75 4.70
C LYS A 50 -12.38 -12.07 5.25
N THR A 51 -12.43 -12.67 6.45
CA THR A 51 -13.70 -13.06 7.10
C THR A 51 -13.97 -12.16 8.30
N LEU A 52 -15.25 -11.83 8.52
CA LEU A 52 -15.69 -11.00 9.64
C LEU A 52 -16.24 -11.89 10.77
N TYR A 56 -20.13 -8.63 16.22
CA TYR A 56 -19.95 -7.33 15.55
C TYR A 56 -21.26 -6.56 15.43
N THR A 57 -21.16 -5.21 15.39
CA THR A 57 -22.30 -4.30 15.22
C THR A 57 -22.60 -4.04 13.73
N GLU A 58 -23.76 -3.42 13.43
CA GLU A 58 -24.17 -3.09 12.05
C GLU A 58 -23.22 -2.07 11.42
N ARG A 59 -22.73 -1.09 12.21
CA ARG A 59 -21.78 -0.05 11.77
C ARG A 59 -20.43 -0.69 11.43
N GLN A 60 -20.00 -1.69 12.23
CA GLN A 60 -18.76 -2.44 12.03
C GLN A 60 -18.79 -3.24 10.72
N ARG A 61 -19.94 -3.92 10.46
CA ARG A 61 -20.19 -4.72 9.26
C ARG A 61 -20.19 -3.82 8.02
N ARG A 62 -20.84 -2.64 8.11
CA ARG A 62 -20.90 -1.65 7.03
C ARG A 62 -19.50 -1.07 6.76
N GLU A 63 -18.70 -0.87 7.82
CA GLU A 63 -17.32 -0.37 7.71
C GLU A 63 -16.40 -1.43 7.07
N PHE A 64 -16.48 -2.70 7.53
CA PHE A 64 -15.71 -3.84 7.00
C PHE A 64 -16.01 -4.02 5.51
N LEU A 65 -17.30 -3.97 5.14
CA LEU A 65 -17.77 -4.12 3.75
C LEU A 65 -17.51 -2.90 2.88
N SER A 66 -17.28 -1.71 3.51
CA SER A 66 -16.98 -0.48 2.77
C SER A 66 -15.70 -0.67 1.95
N GLU A 67 -14.77 -1.55 2.43
CA GLU A 67 -13.51 -1.91 1.76
C GLU A 67 -13.82 -2.53 0.41
N ALA A 68 -14.78 -3.47 0.40
CA ALA A 68 -15.25 -4.17 -0.79
C ALA A 68 -15.95 -3.20 -1.76
N SER A 69 -16.80 -2.30 -1.24
CA SER A 69 -17.54 -1.30 -2.04
C SER A 69 -16.62 -0.46 -2.94
N ILE A 70 -15.59 0.17 -2.34
CA ILE A 70 -14.63 0.99 -3.10
C ILE A 70 -13.67 0.21 -3.94
N MET A 71 -13.19 -0.94 -3.45
CA MET A 71 -12.27 -1.80 -4.21
C MET A 71 -12.91 -2.22 -5.53
N GLY A 72 -14.21 -2.55 -5.49
CA GLY A 72 -15.01 -2.98 -6.64
C GLY A 72 -15.17 -1.96 -7.75
N GLN A 73 -14.92 -0.68 -7.41
CA GLN A 73 -15.02 0.46 -8.32
C GLN A 73 -13.66 0.86 -8.90
N PHE A 74 -12.60 0.17 -8.48
CA PHE A 74 -11.27 0.40 -9.02
C PHE A 74 -10.89 -0.73 -9.96
N GLU A 75 -10.11 -0.38 -10.99
CA GLU A 75 -9.61 -1.32 -11.96
C GLU A 75 -8.27 -0.76 -12.42
N HIS A 76 -7.17 -1.33 -11.89
CA HIS A 76 -5.82 -0.89 -12.19
C HIS A 76 -4.84 -2.03 -11.86
N PRO A 77 -3.77 -2.23 -12.67
CA PRO A 77 -2.83 -3.33 -12.38
C PRO A 77 -2.05 -3.20 -11.07
N ASN A 78 -2.03 -1.98 -10.45
CA ASN A 78 -1.36 -1.76 -9.17
C ASN A 78 -2.31 -1.46 -8.01
N ILE A 79 -3.57 -1.93 -8.15
CA ILE A 79 -4.60 -1.81 -7.12
C ILE A 79 -5.16 -3.23 -6.96
N ILE A 80 -5.21 -3.72 -5.71
CA ILE A 80 -5.74 -5.06 -5.43
C ILE A 80 -7.14 -5.24 -6.02
N ARG A 81 -7.36 -6.34 -6.75
CA ARG A 81 -8.61 -6.65 -7.43
C ARG A 81 -9.62 -7.33 -6.50
N LEU A 82 -10.83 -6.80 -6.45
CA LEU A 82 -11.93 -7.43 -5.70
C LEU A 82 -12.50 -8.55 -6.60
N GLU A 83 -12.58 -9.78 -6.06
CA GLU A 83 -13.14 -10.92 -6.81
C GLU A 83 -14.59 -11.11 -6.43
N GLY A 84 -14.96 -10.68 -5.22
CA GLY A 84 -16.33 -10.79 -4.75
C GLY A 84 -16.50 -10.66 -3.26
N VAL A 85 -17.77 -10.73 -2.83
CA VAL A 85 -18.19 -10.66 -1.44
C VAL A 85 -19.28 -11.69 -1.15
N VAL A 86 -19.36 -12.13 0.11
CA VAL A 86 -20.42 -13.03 0.61
C VAL A 86 -21.09 -12.20 1.73
N THR A 87 -22.32 -11.69 1.48
CA THR A 87 -23.06 -10.85 2.44
C THR A 87 -24.43 -11.41 2.78
N ASN A 88 -25.11 -12.07 1.81
CA ASN A 88 -26.44 -12.67 1.99
C ASN A 88 -26.38 -13.83 3.00
N SER A 89 -25.25 -14.56 2.99
CA SER A 89 -24.96 -15.67 3.88
C SER A 89 -23.95 -15.20 4.95
N MET A 90 -23.79 -15.98 6.03
CA MET A 90 -22.85 -15.69 7.11
C MET A 90 -21.83 -16.85 7.23
N PRO A 91 -20.54 -16.62 7.59
CA PRO A 91 -19.86 -15.35 7.92
C PRO A 91 -19.61 -14.47 6.69
N VAL A 92 -19.52 -13.16 6.92
CA VAL A 92 -19.30 -12.15 5.89
C VAL A 92 -17.86 -12.30 5.36
N MET A 93 -17.69 -12.35 4.02
CA MET A 93 -16.37 -12.49 3.42
C MET A 93 -16.11 -11.47 2.33
N ILE A 94 -14.84 -11.10 2.18
CA ILE A 94 -14.31 -10.27 1.09
C ILE A 94 -13.25 -11.14 0.40
N LEU A 95 -13.41 -11.35 -0.89
CA LEU A 95 -12.49 -12.16 -1.68
C LEU A 95 -11.72 -11.25 -2.63
N THR A 96 -10.38 -11.34 -2.61
CA THR A 96 -9.55 -10.55 -3.53
C THR A 96 -8.64 -11.49 -4.29
N GLU A 97 -7.90 -10.96 -5.29
CA GLU A 97 -6.88 -11.77 -5.96
C GLU A 97 -5.84 -12.19 -4.89
N PHE A 98 -5.27 -13.36 -5.06
CA PHE A 98 -4.24 -13.85 -4.12
C PHE A 98 -2.89 -13.26 -4.57
N MET A 99 -2.07 -12.84 -3.60
CA MET A 99 -0.76 -12.22 -3.87
C MET A 99 0.27 -13.11 -3.20
N GLU A 100 0.91 -13.94 -4.00
CA GLU A 100 1.85 -14.98 -3.55
C GLU A 100 2.89 -14.54 -2.53
N ASN A 101 3.43 -13.32 -2.69
CA ASN A 101 4.49 -12.78 -1.82
C ASN A 101 4.05 -11.92 -0.64
N GLY A 102 2.74 -11.85 -0.43
CA GLY A 102 2.19 -11.15 0.71
C GLY A 102 2.58 -9.69 0.84
N ALA A 103 2.66 -9.22 2.10
CA ALA A 103 2.93 -7.82 2.42
C ALA A 103 4.38 -7.44 2.03
N LEU A 104 4.54 -6.28 1.39
CA LEU A 104 5.85 -5.82 0.92
C LEU A 104 6.91 -5.65 2.02
N ASP A 105 6.54 -5.13 3.21
CA ASP A 105 7.55 -4.92 4.25
C ASP A 105 8.17 -6.24 4.71
N SER A 106 7.32 -7.25 4.99
CA SER A 106 7.82 -8.56 5.42
C SER A 106 8.52 -9.27 4.26
N PHE A 107 8.03 -9.07 3.02
CA PHE A 107 8.65 -9.71 1.84
C PHE A 107 10.09 -9.22 1.67
N LEU A 108 10.29 -7.89 1.82
CA LEU A 108 11.62 -7.29 1.72
C LEU A 108 12.53 -7.68 2.88
N ARG A 109 11.98 -7.77 4.11
CA ARG A 109 12.82 -8.20 5.22
C ARG A 109 13.33 -9.64 4.97
N LEU A 110 12.45 -10.51 4.45
CA LEU A 110 12.80 -11.90 4.14
C LEU A 110 13.91 -11.97 3.05
N ASN A 111 13.91 -10.97 2.16
CA ASN A 111 14.81 -10.89 1.02
C ASN A 111 15.81 -9.71 1.13
N ASP A 112 16.22 -9.40 2.37
CA ASP A 112 17.12 -8.29 2.67
C ASP A 112 18.38 -8.31 1.77
N GLY A 113 18.58 -7.22 1.04
CA GLY A 113 19.72 -7.03 0.14
C GLY A 113 19.77 -7.93 -1.07
N GLN A 114 18.65 -8.64 -1.38
CA GLN A 114 18.62 -9.64 -2.46
C GLN A 114 18.00 -9.22 -3.78
N PHE A 115 17.44 -8.02 -3.80
CA PHE A 115 16.87 -7.45 -5.02
C PHE A 115 17.72 -6.24 -5.39
N THR A 116 17.91 -6.03 -6.69
CA THR A 116 18.73 -4.93 -7.21
C THR A 116 17.99 -3.60 -7.07
N VAL A 117 18.75 -2.49 -7.14
CA VAL A 117 18.15 -1.14 -7.09
C VAL A 117 17.09 -1.03 -8.21
N ILE A 118 17.39 -1.55 -9.41
CA ILE A 118 16.41 -1.49 -10.51
C ILE A 118 15.10 -2.22 -10.21
N GLN A 119 15.19 -3.38 -9.55
CA GLN A 119 13.99 -4.10 -9.14
C GLN A 119 13.22 -3.29 -8.10
N LEU A 120 13.92 -2.72 -7.10
CA LEU A 120 13.27 -1.91 -6.06
C LEU A 120 12.57 -0.69 -6.66
N VAL A 121 13.22 -0.06 -7.65
CA VAL A 121 12.63 1.10 -8.35
C VAL A 121 11.36 0.66 -9.12
N GLY A 122 11.38 -0.54 -9.74
CA GLY A 122 10.22 -1.09 -10.44
C GLY A 122 9.06 -1.26 -9.48
N MET A 123 9.34 -1.76 -8.27
CA MET A 123 8.31 -1.94 -7.22
C MET A 123 7.73 -0.56 -6.85
N LEU A 124 8.61 0.44 -6.64
CA LEU A 124 8.15 1.79 -6.27
C LEU A 124 7.36 2.45 -7.39
N ARG A 125 7.72 2.15 -8.64
CA ARG A 125 7.04 2.71 -9.81
C ARG A 125 5.61 2.16 -9.85
N GLY A 126 5.47 0.87 -9.57
CA GLY A 126 4.17 0.20 -9.51
C GLY A 126 3.29 0.80 -8.42
N ILE A 127 3.84 1.01 -7.22
CA ILE A 127 3.10 1.64 -6.11
C ILE A 127 2.67 3.05 -6.53
N ALA A 128 3.63 3.81 -7.11
CA ALA A 128 3.37 5.18 -7.56
C ALA A 128 2.29 5.24 -8.65
N SER A 129 2.26 4.22 -9.56
CA SER A 129 1.21 4.18 -10.60
C SER A 129 -0.15 3.93 -9.91
N GLY A 130 -0.19 3.02 -8.93
CA GLY A 130 -1.43 2.78 -8.19
C GLY A 130 -1.91 4.05 -7.52
N MET A 131 -0.97 4.82 -6.86
CA MET A 131 -1.31 6.08 -6.19
C MET A 131 -1.75 7.16 -7.19
N ARG A 132 -1.13 7.22 -8.37
CA ARG A 132 -1.48 8.15 -9.44
C ARG A 132 -2.94 7.91 -9.85
N TYR A 133 -3.34 6.64 -9.98
CA TYR A 133 -4.70 6.25 -10.31
C TYR A 133 -5.67 6.69 -9.19
N LEU A 134 -5.34 6.40 -7.92
CA LEU A 134 -6.20 6.79 -6.79
C LEU A 134 -6.40 8.31 -6.72
N ALA A 135 -5.27 9.08 -6.86
CA ALA A 135 -5.35 10.56 -6.82
C ALA A 135 -6.21 11.08 -7.98
N GLU A 136 -6.08 10.47 -9.19
CA GLU A 136 -6.92 10.83 -10.36
C GLU A 136 -8.42 10.59 -10.07
N MET A 137 -8.74 9.52 -9.30
CA MET A 137 -10.11 9.13 -8.89
C MET A 137 -10.58 9.95 -7.66
N SER A 138 -9.75 10.92 -7.17
CA SER A 138 -10.02 11.74 -5.97
C SER A 138 -10.16 10.86 -4.69
N TYR A 139 -9.48 9.71 -4.68
CA TYR A 139 -9.48 8.83 -3.52
C TYR A 139 -8.17 9.09 -2.76
N VAL A 140 -8.33 9.47 -1.49
CA VAL A 140 -7.22 9.74 -0.56
C VAL A 140 -7.07 8.48 0.27
N HIS A 141 -5.90 7.85 0.18
CA HIS A 141 -5.64 6.59 0.87
C HIS A 141 -5.61 6.72 2.38
N ARG A 142 -4.77 7.67 2.91
CA ARG A 142 -4.59 8.01 4.33
C ARG A 142 -3.73 7.01 5.12
N ASP A 143 -3.55 5.78 4.61
CA ASP A 143 -2.77 4.77 5.35
C ASP A 143 -1.74 4.08 4.43
N LEU A 144 -1.12 4.88 3.55
CA LEU A 144 -0.12 4.33 2.62
C LEU A 144 1.17 3.97 3.38
N ALA A 145 1.50 2.69 3.36
CA ALA A 145 2.64 2.12 4.10
C ALA A 145 3.02 0.81 3.40
N ALA A 146 4.28 0.37 3.54
CA ALA A 146 4.73 -0.88 2.89
C ALA A 146 3.90 -2.11 3.35
N ARG A 147 3.44 -2.10 4.62
CA ARG A 147 2.62 -3.19 5.15
C ARG A 147 1.26 -3.29 4.45
N ASN A 148 0.84 -2.20 3.76
CA ASN A 148 -0.43 -2.13 3.04
C ASN A 148 -0.26 -2.30 1.52
N ILE A 149 0.91 -2.76 1.11
CA ILE A 149 1.24 -3.04 -0.29
C ILE A 149 1.39 -4.55 -0.39
N LEU A 150 0.75 -5.16 -1.39
CA LEU A 150 0.85 -6.62 -1.60
C LEU A 150 1.65 -6.91 -2.84
N VAL A 151 2.38 -8.05 -2.84
CA VAL A 151 3.32 -8.39 -3.90
C VAL A 151 2.97 -9.75 -4.53
N ASN A 152 2.87 -9.80 -5.89
CA ASN A 152 2.54 -11.06 -6.53
C ASN A 152 3.84 -11.83 -6.92
N SER A 153 3.69 -13.02 -7.55
CA SER A 153 4.83 -13.85 -7.91
CA SER A 153 4.80 -13.88 -7.98
C SER A 153 5.81 -13.17 -8.88
N ASN A 154 5.32 -12.24 -9.72
CA ASN A 154 6.12 -11.47 -10.68
C ASN A 154 6.68 -10.15 -10.08
N LEU A 155 6.58 -9.98 -8.75
CA LEU A 155 7.04 -8.79 -8.01
C LEU A 155 6.23 -7.52 -8.28
N VAL A 156 5.03 -7.68 -8.85
CA VAL A 156 4.13 -6.55 -9.12
C VAL A 156 3.54 -6.14 -7.77
N CYS A 157 3.70 -4.87 -7.43
CA CYS A 157 3.19 -4.29 -6.19
C CYS A 157 1.84 -3.67 -6.37
N LYS A 158 0.91 -4.04 -5.47
CA LYS A 158 -0.46 -3.53 -5.51
C LYS A 158 -0.86 -2.90 -4.18
N VAL A 159 -1.46 -1.71 -4.28
CA VAL A 159 -2.01 -0.98 -3.13
C VAL A 159 -3.25 -1.73 -2.61
N SER A 160 -3.30 -1.90 -1.30
CA SER A 160 -4.41 -2.58 -0.64
C SER A 160 -4.86 -1.68 0.52
N ASP A 161 -5.74 -2.20 1.40
CA ASP A 161 -6.22 -1.51 2.60
C ASP A 161 -7.09 -0.32 2.22
N PHE A 162 -8.30 -0.61 1.76
CA PHE A 162 -9.26 0.43 1.38
C PHE A 162 -10.37 0.47 2.39
N GLY A 163 -10.99 1.63 2.51
CA GLY A 163 -12.08 1.82 3.45
C GLY A 163 -12.66 3.22 3.37
N LEU A 164 -13.95 3.33 3.72
CA LEU A 164 -14.66 4.60 3.74
C LEU A 164 -14.85 5.12 5.18
N SER A 165 -14.21 4.42 6.15
CA SER A 165 -14.23 4.79 7.57
C SER A 165 -13.28 5.97 7.82
N ARG A 166 -13.50 6.69 8.93
CA ARG A 166 -12.67 7.83 9.38
C ARG A 166 -11.79 7.38 10.54
N PHE A 167 -10.65 8.08 10.77
CA PHE A 167 -9.73 7.75 11.88
C PHE A 167 -10.32 8.07 13.24
N GLY A 183 -8.56 3.16 12.21
CA GLY A 183 -8.35 3.29 13.66
C GLY A 183 -7.62 4.56 14.03
N LYS A 184 -6.43 4.43 14.67
CA LYS A 184 -5.61 5.58 15.06
C LYS A 184 -4.79 6.06 13.86
N ILE A 185 -4.45 7.38 13.83
CA ILE A 185 -3.63 7.94 12.74
C ILE A 185 -2.25 7.24 12.74
N PRO A 186 -1.80 6.68 11.59
CA PRO A 186 -0.48 6.02 11.59
C PRO A 186 0.61 7.11 11.53
N ILE A 187 0.99 7.62 12.71
CA ILE A 187 1.93 8.72 12.91
C ILE A 187 3.17 8.71 11.98
N ARG A 188 3.96 7.60 11.98
CA ARG A 188 5.21 7.45 11.22
C ARG A 188 5.08 7.64 9.71
N TRP A 189 3.86 7.43 9.16
CA TRP A 189 3.58 7.52 7.72
C TRP A 189 2.79 8.78 7.33
N THR A 190 2.33 9.56 8.33
CA THR A 190 1.43 10.69 8.09
C THR A 190 2.12 12.06 7.99
N ALA A 191 1.68 12.84 6.98
CA ALA A 191 2.19 14.18 6.75
C ALA A 191 1.90 15.09 7.97
N PRO A 192 2.79 16.05 8.28
CA PRO A 192 2.61 16.90 9.48
C PRO A 192 1.31 17.70 9.51
N GLU A 193 0.84 18.19 8.36
CA GLU A 193 -0.43 18.96 8.34
C GLU A 193 -1.61 18.01 8.58
N ALA A 194 -1.49 16.71 8.16
CA ALA A 194 -2.53 15.70 8.37
C ALA A 194 -2.60 15.32 9.85
N ILE A 195 -1.44 15.21 10.53
CA ILE A 195 -1.42 14.93 11.98
C ILE A 195 -2.02 16.12 12.75
N ALA A 196 -1.53 17.34 12.46
CA ALA A 196 -1.93 18.55 13.17
C ALA A 196 -3.36 19.01 12.89
N PHE A 197 -3.76 19.03 11.62
CA PHE A 197 -5.06 19.57 11.27
C PHE A 197 -6.09 18.57 10.70
N ARG A 198 -5.73 17.27 10.65
CA ARG A 198 -6.57 16.18 10.11
C ARG A 198 -7.02 16.46 8.66
N LYS A 199 -6.18 17.21 7.93
CA LYS A 199 -6.40 17.54 6.52
C LYS A 199 -5.65 16.47 5.74
N PHE A 200 -6.39 15.48 5.24
CA PHE A 200 -5.80 14.39 4.43
C PHE A 200 -6.11 14.67 2.96
N THR A 201 -5.05 14.73 2.13
CA THR A 201 -5.17 15.00 0.70
C THR A 201 -4.25 14.05 -0.09
N SER A 202 -4.28 14.14 -1.44
CA SER A 202 -3.35 13.33 -2.23
C SER A 202 -1.89 13.80 -1.94
N ALA A 203 -1.72 15.09 -1.54
CA ALA A 203 -0.41 15.61 -1.14
C ALA A 203 0.06 15.01 0.20
N SER A 204 -0.86 14.70 1.14
CA SER A 204 -0.39 14.03 2.37
C SER A 204 -0.07 12.56 2.02
N ASP A 205 -0.80 11.98 1.04
CA ASP A 205 -0.45 10.62 0.58
C ASP A 205 0.97 10.64 -0.09
N ALA A 206 1.35 11.75 -0.78
CA ALA A 206 2.70 11.89 -1.38
C ALA A 206 3.77 11.83 -0.29
N TRP A 207 3.50 12.44 0.91
CA TRP A 207 4.41 12.34 2.06
C TRP A 207 4.55 10.85 2.43
N SER A 208 3.41 10.14 2.61
CA SER A 208 3.37 8.71 2.96
C SER A 208 4.16 7.89 1.93
N TYR A 209 4.01 8.23 0.66
CA TYR A 209 4.71 7.54 -0.41
C TYR A 209 6.23 7.66 -0.23
N GLY A 210 6.70 8.85 0.18
CA GLY A 210 8.11 9.09 0.49
C GLY A 210 8.58 8.13 1.58
N ILE A 211 7.72 7.93 2.60
CA ILE A 211 8.05 6.97 3.66
C ILE A 211 8.13 5.55 3.05
N VAL A 212 7.15 5.19 2.21
CA VAL A 212 7.18 3.87 1.55
C VAL A 212 8.49 3.69 0.74
N MET A 213 8.94 4.73 0.00
CA MET A 213 10.21 4.67 -0.74
C MET A 213 11.36 4.32 0.23
N TRP A 214 11.41 4.98 1.42
CA TRP A 214 12.42 4.72 2.45
C TRP A 214 12.30 3.26 2.94
N GLU A 215 11.08 2.77 3.21
CA GLU A 215 10.87 1.38 3.66
C GLU A 215 11.42 0.39 2.62
N VAL A 216 11.12 0.64 1.35
CA VAL A 216 11.58 -0.22 0.25
C VAL A 216 13.10 -0.25 0.12
N MET A 217 13.74 0.95 0.09
CA MET A 217 15.19 1.07 -0.05
C MET A 217 15.95 0.55 1.17
N SER A 218 15.24 0.41 2.33
CA SER A 218 15.79 -0.11 3.58
C SER A 218 15.43 -1.60 3.78
N PHE A 219 14.82 -2.23 2.76
CA PHE A 219 14.34 -3.63 2.81
C PHE A 219 13.44 -3.93 4.03
N GLY A 220 12.47 -3.05 4.25
CA GLY A 220 11.48 -3.25 5.31
C GLY A 220 11.87 -2.82 6.71
N GLU A 221 12.84 -1.91 6.87
CA GLU A 221 13.15 -1.44 8.21
C GLU A 221 11.99 -0.54 8.69
N ARG A 222 11.72 -0.52 10.00
CA ARG A 222 10.67 0.34 10.56
C ARG A 222 11.06 1.85 10.44
N PRO A 223 10.21 2.71 9.82
CA PRO A 223 10.56 4.16 9.76
C PRO A 223 10.81 4.75 11.15
N TYR A 224 11.93 5.51 11.32
CA TYR A 224 12.33 6.16 12.59
C TYR A 224 12.42 5.08 13.69
N TRP A 225 13.00 3.90 13.37
CA TRP A 225 13.02 2.73 14.26
C TRP A 225 13.41 2.99 15.71
N ASP A 226 14.34 3.92 15.93
CA ASP A 226 14.89 4.28 17.23
C ASP A 226 14.13 5.41 17.96
N MET A 227 12.93 5.80 17.45
CA MET A 227 12.10 6.88 18.03
C MET A 227 10.69 6.42 18.32
N SER A 228 10.00 7.12 19.24
CA SER A 228 8.60 6.86 19.57
C SER A 228 7.73 7.75 18.69
N ASN A 229 6.40 7.55 18.70
CA ASN A 229 5.47 8.38 17.94
C ASN A 229 5.58 9.88 18.27
N GLN A 230 5.65 10.24 19.56
CA GLN A 230 5.79 11.64 19.95
C GLN A 230 7.14 12.25 19.48
N ASP A 231 8.25 11.46 19.57
CA ASP A 231 9.59 11.84 19.10
C ASP A 231 9.54 12.17 17.58
N VAL A 232 8.80 11.36 16.80
CA VAL A 232 8.64 11.53 15.34
C VAL A 232 7.92 12.83 15.03
N ILE A 233 6.81 13.12 15.74
CA ILE A 233 6.04 14.36 15.57
C ILE A 233 6.96 15.58 15.81
N ASN A 234 7.72 15.52 16.92
CA ASN A 234 8.67 16.57 17.33
C ASN A 234 9.80 16.72 16.32
N ALA A 235 10.43 15.60 15.92
CA ALA A 235 11.54 15.57 14.97
C ALA A 235 11.18 16.20 13.64
N ILE A 236 10.04 15.77 13.02
CA ILE A 236 9.56 16.29 11.74
C ILE A 236 9.32 17.79 11.78
N GLU A 237 8.66 18.27 12.86
CA GLU A 237 8.38 19.69 13.08
C GLU A 237 9.71 20.45 13.23
N GLN A 238 10.74 19.78 13.74
CA GLN A 238 12.09 20.33 13.93
C GLN A 238 13.06 20.03 12.77
N ASP A 239 12.48 19.83 11.55
CA ASP A 239 13.18 19.67 10.27
C ASP A 239 13.97 18.39 10.06
N TYR A 240 13.85 17.41 10.96
CA TYR A 240 14.52 16.13 10.79
C TYR A 240 13.83 15.39 9.66
N ARG A 241 14.62 14.68 8.85
CA ARG A 241 14.12 13.83 7.76
C ARG A 241 14.94 12.55 7.80
N LEU A 242 14.30 11.40 7.50
CA LEU A 242 15.00 10.12 7.48
C LEU A 242 16.25 10.20 6.57
N PRO A 243 17.38 9.63 7.02
CA PRO A 243 18.59 9.66 6.18
C PRO A 243 18.49 8.66 5.03
N PRO A 244 19.38 8.74 4.02
CA PRO A 244 19.31 7.74 2.94
C PRO A 244 19.65 6.35 3.48
N PRO A 245 18.86 5.32 3.15
CA PRO A 245 19.19 3.96 3.60
C PRO A 245 20.56 3.52 3.05
N PRO A 246 21.23 2.51 3.64
CA PRO A 246 22.52 2.08 3.08
C PRO A 246 22.41 1.75 1.59
N ASP A 247 23.39 2.22 0.78
CA ASP A 247 23.47 2.00 -0.67
C ASP A 247 22.36 2.69 -1.47
N CYS A 248 21.54 3.56 -0.84
CA CYS A 248 20.46 4.21 -1.57
C CYS A 248 20.95 5.27 -2.55
N PRO A 249 20.56 5.20 -3.84
CA PRO A 249 20.96 6.24 -4.80
C PRO A 249 20.47 7.62 -4.32
N THR A 250 21.32 8.63 -4.49
CA THR A 250 21.00 10.01 -4.07
C THR A 250 19.72 10.56 -4.70
N SER A 251 19.49 10.25 -6.00
CA SER A 251 18.30 10.67 -6.75
C SER A 251 17.03 10.12 -6.09
N LEU A 252 17.08 8.89 -5.55
CA LEU A 252 15.94 8.32 -4.85
C LEU A 252 15.74 9.02 -3.50
N HIS A 253 16.85 9.28 -2.75
CA HIS A 253 16.70 10.01 -1.48
C HIS A 253 16.20 11.44 -1.73
N GLN A 254 16.62 12.08 -2.84
CA GLN A 254 16.15 13.45 -3.15
C GLN A 254 14.63 13.42 -3.41
N LEU A 255 14.15 12.38 -4.15
CA LEU A 255 12.72 12.23 -4.39
C LEU A 255 11.97 12.06 -3.04
N MET A 256 12.57 11.32 -2.08
CA MET A 256 12.01 11.19 -0.71
C MET A 256 11.91 12.56 -0.05
N LEU A 257 12.99 13.36 -0.12
CA LEU A 257 13.00 14.69 0.50
C LEU A 257 11.95 15.61 -0.13
N ASP A 258 11.74 15.47 -1.45
CA ASP A 258 10.72 16.26 -2.18
C ASP A 258 9.31 15.90 -1.63
N CYS A 259 9.03 14.58 -1.46
CA CYS A 259 7.77 14.07 -0.90
C CYS A 259 7.58 14.58 0.54
N TRP A 260 8.70 14.81 1.24
CA TRP A 260 8.68 15.28 2.64
C TRP A 260 8.81 16.79 2.82
N GLN A 261 8.48 17.58 1.78
CA GLN A 261 8.52 19.04 1.97
C GLN A 261 7.41 19.42 2.96
N LYS A 262 7.72 20.33 3.92
CA LYS A 262 6.74 20.76 4.93
C LYS A 262 5.50 21.37 4.25
N ASP A 263 5.72 22.16 3.19
CA ASP A 263 4.63 22.77 2.41
C ASP A 263 4.05 21.70 1.47
N ARG A 264 2.81 21.26 1.74
CA ARG A 264 2.14 20.23 0.95
C ARG A 264 2.06 20.56 -0.55
N ASN A 265 1.89 21.85 -0.89
CA ASN A 265 1.82 22.30 -2.28
C ASN A 265 3.13 22.17 -3.03
N ALA A 266 4.27 22.09 -2.33
CA ALA A 266 5.62 21.94 -2.92
C ALA A 266 5.97 20.47 -3.22
N ARG A 267 5.23 19.52 -2.65
CA ARG A 267 5.48 18.09 -2.88
C ARG A 267 5.15 17.70 -4.32
N PRO A 268 5.89 16.75 -4.92
CA PRO A 268 5.50 16.29 -6.27
C PRO A 268 4.12 15.59 -6.23
N ARG A 269 3.31 15.79 -7.27
CA ARG A 269 2.04 15.08 -7.39
C ARG A 269 2.41 13.68 -7.97
N PHE A 270 1.52 12.71 -7.83
CA PHE A 270 1.80 11.35 -8.30
C PHE A 270 2.22 11.20 -9.78
N PRO A 271 1.66 11.96 -10.77
CA PRO A 271 2.16 11.84 -12.16
C PRO A 271 3.65 12.21 -12.22
N GLN A 272 4.08 13.26 -11.44
CA GLN A 272 5.49 13.71 -11.37
CA GLN A 272 5.49 13.68 -11.40
C GLN A 272 6.35 12.61 -10.74
N VAL A 273 5.82 11.95 -9.67
CA VAL A 273 6.55 10.84 -8.99
C VAL A 273 6.79 9.70 -10.02
N VAL A 274 5.73 9.26 -10.73
CA VAL A 274 5.87 8.20 -11.73
C VAL A 274 6.92 8.60 -12.81
N SER A 275 6.83 9.86 -13.32
CA SER A 275 7.75 10.37 -14.35
C SER A 275 9.20 10.35 -13.86
N ALA A 276 9.44 10.78 -12.61
CA ALA A 276 10.78 10.76 -12.04
C ALA A 276 11.34 9.35 -11.95
N LEU A 277 10.51 8.36 -11.53
CA LEU A 277 10.92 6.95 -11.44
C LEU A 277 11.17 6.35 -12.82
N ASP A 278 10.31 6.67 -13.80
CA ASP A 278 10.53 6.17 -15.17
C ASP A 278 11.86 6.67 -15.75
N LYS A 279 12.25 7.92 -15.43
CA LYS A 279 13.52 8.54 -15.88
C LYS A 279 14.72 7.76 -15.29
N MET A 280 14.61 7.38 -14.00
CA MET A 280 15.63 6.59 -13.31
C MET A 280 15.81 5.22 -13.97
N ILE A 281 14.68 4.53 -14.25
CA ILE A 281 14.65 3.20 -14.90
C ILE A 281 15.33 3.26 -16.27
N ARG A 282 15.08 4.34 -17.02
CA ARG A 282 15.60 4.64 -18.36
C ARG A 282 17.07 5.03 -18.34
N ASN A 283 17.54 5.65 -17.24
CA ASN A 283 18.93 6.08 -17.07
C ASN A 283 19.53 5.44 -15.81
N PRO A 284 19.84 4.11 -15.79
CA PRO A 284 20.34 3.47 -14.56
C PRO A 284 21.67 3.97 -14.01
N ALA A 285 22.49 4.67 -14.82
CA ALA A 285 23.76 5.24 -14.39
C ALA A 285 23.54 6.29 -13.29
N SER A 286 22.43 7.02 -13.35
CA SER A 286 22.05 8.04 -12.36
C SER A 286 21.91 7.40 -10.97
N LEU A 287 21.40 6.16 -10.92
CA LEU A 287 21.21 5.36 -9.70
C LEU A 287 22.53 4.92 -9.03
N LYS A 288 23.66 5.02 -9.75
CA LYS A 288 24.97 4.64 -9.21
C LYS A 288 25.53 5.65 -8.20
N ILE A 289 25.08 6.93 -8.27
CA ILE A 289 25.51 8.01 -7.37
C ILE A 289 24.93 7.79 -5.95
N VAL A 290 25.79 7.37 -5.01
CA VAL A 290 25.43 7.13 -3.59
C VAL A 290 26.30 8.04 -2.69
N ALA A 291 25.69 8.74 -1.72
CA ALA A 291 26.39 9.65 -0.80
C ALA A 291 27.34 8.91 0.16
O1 32W B . 3.32 -16.13 3.96
C3 32W B . 2.16 -15.85 4.21
N 32W B . 1.56 -16.20 5.36
C2 32W B . 2.25 -16.92 6.42
C1 32W B . 2.11 -18.41 6.30
O 32W B . 0.75 -18.74 6.41
C 32W B . 0.50 -20.13 6.29
C4 32W B . 1.31 -15.12 3.20
C22 32W B . 1.61 -15.19 1.85
C21 32W B . 0.85 -14.51 0.91
C7 32W B . -0.14 -13.62 1.33
C6 32W B . -0.51 -13.62 2.67
C5 32W B . 0.25 -14.30 3.61
N1 32W B . -0.98 -13.06 0.36
C8 32W B . -2.08 -12.27 0.39
N3 32W B . -2.44 -11.65 1.61
C15 32W B . -3.55 -10.84 1.54
C10 32W B . -4.25 -10.62 0.32
C9 32W B . -3.69 -11.25 -0.82
N2 32W B . -2.68 -12.09 -0.80
C14 32W B . -3.98 -10.18 2.71
C13 32W B . -5.08 -9.38 2.70
C12 32W B . -5.81 -9.15 1.52
C11 32W B . -5.37 -9.75 0.35
C16 32W B . -7.08 -8.38 1.53
C20 32W B . -7.11 -7.00 1.53
C19 32W B . -8.32 -6.35 1.53
N4 32W B . -9.50 -6.98 1.52
C18 32W B . -9.47 -8.31 1.50
C17 32W B . -8.30 -9.05 1.48
MG MG C . -8.48 0.56 -16.45
MG MG D . -5.39 0.70 7.64
#